data_5V5Y
#
_entry.id   5V5Y
#
_cell.length_a   50.080
_cell.length_b   63.100
_cell.length_c   82.460
_cell.angle_alpha   90.000
_cell.angle_beta   90.000
_cell.angle_gamma   90.000
#
_symmetry.space_group_name_H-M   'P 21 21 21'
#
loop_
_entity.id
_entity.type
_entity.pdbx_description
1 polymer 'Wee1-like protein kinase'
2 non-polymer 1-[6-(2-hydroxypropan-2-yl)pyridin-2-yl]-6-{[4-(4-methylpiperazin-1-yl)phenyl]amino}-2-(prop-2-en-1-yl)-1,2-dihydro-3H-pyrazolo[3,4-d]pyrimidin-3-one
3 non-polymer 'DIMETHYL SULFOXIDE'
4 non-polymer 1,2-ETHANEDIOL
5 water water
#
_entity_poly.entity_id   1
_entity_poly.type   'polypeptide(L)'
_entity_poly.pdbx_seq_one_letter_code
;GAGSMKSRYTTEFHELEKIGSGEFGSVFKCVKRLDGCIYAIKRSKKPLAGSVDEQNALREVYAHAVLGQHSHVVRYFSAW
AEDDHMLIQNEYCNGGSLADAISENYRIMSYFKEAELKDLLLQVGRGLRYIHSMSLVHMDIKPSNIFISRTSIPNAASEE
GDEDDWASNKVMFKIGDLGHVTRISSPQVEEGDSRFLANEVLQENYTHLPKADIFALALTVVCAAGAEPLPRNGDQWHEI
RQGRLPRIPQVLSQEFTELLKVMIHPDPERRPSAMALVKHSVLLSASRK
;
_entity_poly.pdbx_strand_id   A
#
# COMPACT_ATOMS: atom_id res chain seq x y z
N SER A 7 28.45 10.04 -11.26
CA SER A 7 27.15 9.79 -10.65
C SER A 7 26.10 9.40 -11.69
N ARG A 8 25.55 8.19 -11.55
CA ARG A 8 24.51 7.73 -12.44
C ARG A 8 23.26 8.58 -12.31
N TYR A 9 22.88 8.88 -11.07
CA TYR A 9 21.69 9.68 -10.78
C TYR A 9 21.77 11.01 -11.49
N THR A 10 22.92 11.67 -11.35
CA THR A 10 23.12 12.99 -11.93
C THR A 10 23.23 12.93 -13.45
N THR A 11 23.92 11.92 -13.95
CA THR A 11 24.19 11.84 -15.39
C THR A 11 22.95 11.41 -16.16
N GLU A 12 22.19 10.49 -15.59
CA GLU A 12 21.10 9.83 -16.30
C GLU A 12 19.75 10.49 -16.10
N PHE A 13 19.60 11.24 -15.01
CA PHE A 13 18.30 11.79 -14.62
C PHE A 13 18.36 13.28 -14.35
N HIS A 14 17.27 13.95 -14.70
CA HIS A 14 17.08 15.36 -14.40
C HIS A 14 15.93 15.48 -13.41
N GLU A 15 16.21 16.03 -12.23
CA GLU A 15 15.18 16.24 -11.21
C GLU A 15 14.19 17.31 -11.65
N LEU A 16 12.90 17.05 -11.42
CA LEU A 16 11.84 17.99 -11.80
C LEU A 16 11.09 18.54 -10.59
N GLU A 17 10.92 17.72 -9.57
CA GLU A 17 10.13 18.09 -8.41
C GLU A 17 10.36 17.12 -7.26
N LYS A 18 10.53 17.66 -6.06
CA LYS A 18 10.59 16.85 -4.84
C LYS A 18 9.16 16.45 -4.47
N ILE A 19 8.89 15.15 -4.42
CA ILE A 19 7.52 14.67 -4.20
C ILE A 19 7.38 13.88 -2.91
N GLY A 20 8.47 13.75 -2.16
CA GLY A 20 8.42 13.01 -0.92
C GLY A 20 9.68 13.18 -0.08
N SER A 21 9.50 13.13 1.23
CA SER A 21 10.57 13.32 2.19
C SER A 21 10.29 12.53 3.46
N GLY A 22 11.34 12.10 4.14
CA GLY A 22 11.21 11.29 5.34
C GLY A 22 12.57 10.95 5.92
N GLU A 23 12.57 10.09 6.93
CA GLU A 23 13.81 9.74 7.63
C GLU A 23 14.74 8.97 6.70
N PHE A 24 14.15 8.18 5.80
CA PHE A 24 14.91 7.44 4.80
C PHE A 24 15.74 8.38 3.92
N GLY A 25 15.12 9.45 3.46
CA GLY A 25 15.72 10.35 2.50
C GLY A 25 14.66 11.15 1.76
N SER A 26 14.72 11.13 0.43
CA SER A 26 13.80 11.93 -0.38
C SER A 26 13.42 11.23 -1.69
N VAL A 27 12.31 11.64 -2.27
CA VAL A 27 11.87 11.10 -3.55
C VAL A 27 11.69 12.26 -4.54
N PHE A 28 12.23 12.09 -5.74
CA PHE A 28 12.09 13.10 -6.77
C PHE A 28 11.40 12.56 -8.02
N LYS A 29 10.53 13.38 -8.57
CA LYS A 29 10.02 13.21 -9.91
C LYS A 29 11.16 13.60 -10.87
N CYS A 30 11.56 12.68 -11.73
CA CYS A 30 12.73 12.87 -12.60
C CYS A 30 12.42 12.52 -14.06
N VAL A 31 13.09 13.19 -14.99
CA VAL A 31 13.12 12.74 -16.38
C VAL A 31 14.39 11.92 -16.58
N LYS A 32 14.25 10.74 -17.18
CA LYS A 32 15.43 9.99 -17.62
C LYS A 32 15.86 10.51 -18.98
N ARG A 33 17.04 11.10 -19.06
CA ARG A 33 17.51 11.75 -20.28
C ARG A 33 17.49 10.83 -21.50
N LEU A 34 17.82 9.56 -21.30
CA LEU A 34 17.90 8.61 -22.41
C LEU A 34 16.56 8.38 -23.12
N ASP A 35 15.48 8.18 -22.37
CA ASP A 35 14.18 7.88 -22.98
C ASP A 35 13.16 9.02 -22.84
N GLY A 36 13.50 10.04 -22.07
CA GLY A 36 12.64 11.20 -21.91
C GLY A 36 11.42 10.97 -21.03
N CYS A 37 11.34 9.80 -20.39
CA CYS A 37 10.18 9.45 -19.57
C CYS A 37 10.37 9.91 -18.14
N ILE A 38 9.25 10.03 -17.41
CA ILE A 38 9.26 10.49 -16.04
C ILE A 38 9.17 9.29 -15.07
N TYR A 39 9.98 9.36 -14.02
CA TYR A 39 10.07 8.30 -13.03
C TYR A 39 10.09 8.90 -11.62
N ALA A 40 9.70 8.09 -10.63
CA ALA A 40 9.86 8.46 -9.23
C ALA A 40 11.13 7.80 -8.71
N ILE A 41 12.08 8.60 -8.27
CA ILE A 41 13.37 8.06 -7.80
C ILE A 41 13.59 8.37 -6.33
N LYS A 42 13.66 7.30 -5.54
CA LYS A 42 13.93 7.39 -4.11
C LYS A 42 15.43 7.25 -3.81
N ARG A 43 15.96 8.20 -3.04
CA ARG A 43 17.35 8.18 -2.61
C ARG A 43 17.39 8.10 -1.09
N SER A 44 17.95 6.99 -0.58
CA SER A 44 18.02 6.71 0.85
C SER A 44 19.46 6.56 1.34
N LYS A 45 19.73 6.95 2.58
CA LYS A 45 21.01 6.70 3.23
C LYS A 45 21.24 5.21 3.48
N LYS A 46 22.50 4.81 3.67
CA LYS A 46 22.80 3.43 4.01
C LYS A 46 22.18 3.04 5.34
N PRO A 47 21.45 1.91 5.39
CA PRO A 47 20.94 1.45 6.69
C PRO A 47 22.05 1.05 7.65
N LEU A 48 21.84 1.26 8.95
CA LEU A 48 22.80 0.84 9.95
C LEU A 48 22.87 -0.67 10.02
N ALA A 49 24.00 -1.17 10.52
CA ALA A 49 24.23 -2.61 10.61
C ALA A 49 23.21 -3.28 11.53
N GLY A 50 22.60 -4.36 11.04
CA GLY A 50 21.66 -5.14 11.83
C GLY A 50 20.46 -4.34 12.29
N SER A 51 19.88 -3.59 11.36
CA SER A 51 18.75 -2.72 11.67
C SER A 51 17.54 -3.04 10.81
N VAL A 52 16.35 -2.67 11.30
CA VAL A 52 15.12 -2.92 10.58
C VAL A 52 15.07 -2.18 9.24
N ASP A 53 15.69 -1.01 9.19
CA ASP A 53 15.72 -0.21 7.97
C ASP A 53 16.56 -0.93 6.91
N GLU A 54 17.46 -1.78 7.37
CA GLU A 54 18.31 -2.56 6.48
C GLU A 54 17.47 -3.56 5.70
N GLN A 55 16.78 -4.45 6.42
CA GLN A 55 15.96 -5.47 5.79
C GLN A 55 14.90 -4.81 4.91
N ASN A 56 14.29 -3.76 5.43
CA ASN A 56 13.26 -3.00 4.70
C ASN A 56 13.70 -2.60 3.29
N ALA A 57 14.83 -1.90 3.20
CA ALA A 57 15.31 -1.42 1.90
C ALA A 57 15.74 -2.59 1.00
N LEU A 58 16.33 -3.61 1.61
CA LEU A 58 16.74 -4.81 0.88
C LEU A 58 15.52 -5.53 0.28
N ARG A 59 14.46 -5.68 1.07
CA ARG A 59 13.28 -6.41 0.63
C ARG A 59 12.48 -5.69 -0.45
N GLU A 60 12.54 -4.36 -0.43
CA GLU A 60 11.86 -3.57 -1.45
C GLU A 60 12.30 -4.03 -2.84
N VAL A 61 13.61 -4.11 -3.05
CA VAL A 61 14.17 -4.49 -4.34
C VAL A 61 13.87 -5.93 -4.71
N TYR A 62 14.01 -6.87 -3.76
CA TYR A 62 13.62 -8.27 -3.99
C TYR A 62 12.14 -8.42 -4.34
N ALA A 63 11.28 -7.71 -3.63
CA ALA A 63 9.84 -7.77 -3.92
C ALA A 63 9.59 -7.33 -5.35
N HIS A 64 10.14 -6.18 -5.70
CA HIS A 64 10.03 -5.66 -7.06
C HIS A 64 10.58 -6.66 -8.07
N ALA A 65 11.66 -7.33 -7.70
CA ALA A 65 12.30 -8.31 -8.58
C ALA A 65 11.37 -9.48 -8.88
N VAL A 66 10.74 -10.02 -7.85
CA VAL A 66 9.82 -11.15 -7.99
C VAL A 66 8.54 -10.70 -8.71
N LEU A 67 8.00 -9.58 -8.29
CA LEU A 67 6.70 -9.16 -8.78
C LEU A 67 6.76 -8.57 -10.19
N GLY A 68 7.80 -7.80 -10.47
CA GLY A 68 8.02 -7.28 -11.81
C GLY A 68 6.86 -6.41 -12.26
N GLN A 69 6.35 -6.68 -13.46
CA GLN A 69 5.35 -5.80 -14.07
C GLN A 69 3.91 -6.30 -13.86
N HIS A 70 3.08 -5.46 -13.27
CA HIS A 70 1.66 -5.77 -13.08
C HIS A 70 0.90 -4.45 -12.96
N SER A 71 -0.29 -4.39 -13.54
CA SER A 71 -1.05 -3.14 -13.63
C SER A 71 -1.41 -2.51 -12.29
N HIS A 72 -1.47 -3.32 -11.25
CA HIS A 72 -1.86 -2.83 -9.93
C HIS A 72 -0.74 -2.98 -8.89
N VAL A 73 0.49 -3.10 -9.39
CA VAL A 73 1.69 -2.95 -8.58
C VAL A 73 2.58 -1.90 -9.21
N VAL A 74 3.13 -1.01 -8.39
CA VAL A 74 4.02 0.02 -8.89
C VAL A 74 5.22 -0.63 -9.54
N ARG A 75 5.49 -0.25 -10.78
CA ARG A 75 6.55 -0.88 -11.55
C ARG A 75 7.94 -0.42 -11.16
N TYR A 76 8.84 -1.39 -11.02
CA TYR A 76 10.24 -1.15 -10.74
C TYR A 76 11.02 -1.10 -12.04
N PHE A 77 11.97 -0.16 -12.14
CA PHE A 77 12.81 -0.10 -13.33
C PHE A 77 14.27 -0.41 -13.03
N SER A 78 14.81 0.12 -11.94
CA SER A 78 16.17 -0.21 -11.55
C SER A 78 16.47 0.22 -10.12
N ALA A 79 17.54 -0.35 -9.58
CA ALA A 79 18.03 0.00 -8.26
C ALA A 79 19.54 -0.08 -8.27
N TRP A 80 20.17 0.88 -7.61
CA TRP A 80 21.63 0.92 -7.54
C TRP A 80 22.04 1.70 -6.32
N ALA A 81 23.35 1.72 -6.07
CA ALA A 81 23.90 2.42 -4.93
C ALA A 81 25.15 3.15 -5.37
N GLU A 82 25.35 4.32 -4.78
CA GLU A 82 26.53 5.11 -5.06
C GLU A 82 26.61 6.22 -4.04
N ASP A 83 27.83 6.62 -3.69
CA ASP A 83 28.05 7.71 -2.77
C ASP A 83 27.32 7.45 -1.46
N ASP A 84 27.38 6.21 -1.01
CA ASP A 84 26.83 5.81 0.29
C ASP A 84 25.30 5.97 0.39
N HIS A 85 24.62 6.02 -0.75
CA HIS A 85 23.16 6.03 -0.78
C HIS A 85 22.61 4.93 -1.66
N MET A 86 21.41 4.48 -1.33
CA MET A 86 20.65 3.55 -2.15
C MET A 86 19.65 4.32 -2.99
N LEU A 87 19.52 3.92 -4.25
CA LEU A 87 18.57 4.53 -5.16
C LEU A 87 17.69 3.50 -5.84
N ILE A 88 16.40 3.83 -5.96
CA ILE A 88 15.48 2.97 -6.68
C ILE A 88 14.62 3.84 -7.60
N GLN A 89 14.48 3.37 -8.83
CA GLN A 89 13.77 4.07 -9.89
C GLN A 89 12.50 3.31 -10.21
N ASN A 90 11.36 3.90 -9.84
CA ASN A 90 10.05 3.30 -10.10
C ASN A 90 9.25 4.17 -11.05
N GLU A 91 8.14 3.63 -11.53
CA GLU A 91 7.26 4.43 -12.38
C GLU A 91 6.72 5.60 -11.57
N TYR A 92 6.39 6.67 -12.27
CA TYR A 92 5.81 7.83 -11.64
C TYR A 92 4.30 7.76 -11.82
N CYS A 93 3.59 7.74 -10.69
CA CYS A 93 2.14 7.77 -10.65
C CYS A 93 1.69 9.21 -10.42
N ASN A 94 1.11 9.83 -11.44
CA ASN A 94 0.92 11.27 -11.42
C ASN A 94 -0.15 11.75 -10.44
N GLY A 95 -0.92 10.82 -9.89
CA GLY A 95 -1.97 11.17 -8.94
C GLY A 95 -1.53 11.11 -7.49
N GLY A 96 -0.26 10.84 -7.25
CA GLY A 96 0.23 10.70 -5.90
C GLY A 96 -0.32 9.44 -5.26
N SER A 97 -0.46 9.47 -3.95
CA SER A 97 -1.01 8.33 -3.22
C SER A 97 -2.47 8.57 -2.86
N LEU A 98 -3.13 7.52 -2.40
CA LEU A 98 -4.51 7.64 -1.96
C LEU A 98 -4.58 8.58 -0.75
N ALA A 99 -3.53 8.61 0.06
CA ALA A 99 -3.46 9.57 1.15
C ALA A 99 -3.50 11.00 0.62
N ASP A 100 -2.81 11.25 -0.50
CA ASP A 100 -2.81 12.57 -1.12
C ASP A 100 -4.19 12.89 -1.67
N ALA A 101 -4.82 11.90 -2.29
CA ALA A 101 -6.16 12.07 -2.85
C ALA A 101 -7.20 12.34 -1.76
N ILE A 102 -7.08 11.63 -0.64
CA ILE A 102 -7.98 11.85 0.49
C ILE A 102 -7.80 13.25 1.05
N SER A 103 -6.55 13.72 1.10
CA SER A 103 -6.28 15.08 1.54
C SER A 103 -6.91 16.12 0.62
N GLU A 104 -6.84 15.88 -0.69
CA GLU A 104 -7.42 16.81 -1.66
C GLU A 104 -8.93 16.87 -1.47
N ASN A 105 -9.55 15.72 -1.23
CA ASN A 105 -10.99 15.67 -0.92
C ASN A 105 -11.36 16.46 0.32
N TYR A 106 -10.52 16.37 1.34
CA TYR A 106 -10.72 17.15 2.56
C TYR A 106 -10.68 18.64 2.21
N ARG A 107 -9.68 19.03 1.43
CA ARG A 107 -9.52 20.44 1.05
C ARG A 107 -10.75 21.00 0.36
N ILE A 108 -11.30 20.24 -0.60
CA ILE A 108 -12.44 20.73 -1.37
C ILE A 108 -13.75 20.14 -0.84
N MET A 109 -13.68 19.53 0.34
CA MET A 109 -14.83 18.89 0.98
C MET A 109 -15.62 18.05 -0.02
N SER A 110 -14.89 17.22 -0.78
CA SER A 110 -15.51 16.23 -1.63
C SER A 110 -15.29 14.87 -0.98
N TYR A 111 -15.83 13.84 -1.61
CA TYR A 111 -15.59 12.48 -1.15
C TYR A 111 -15.77 11.48 -2.27
N PHE A 112 -15.13 10.33 -2.12
CA PHE A 112 -15.31 9.22 -3.04
C PHE A 112 -16.69 8.60 -2.91
N LYS A 113 -17.44 8.58 -4.02
CA LYS A 113 -18.74 7.96 -4.07
C LYS A 113 -18.60 6.44 -4.05
N GLU A 114 -19.70 5.74 -3.86
CA GLU A 114 -19.64 4.29 -3.72
C GLU A 114 -19.02 3.63 -4.96
N ALA A 115 -19.37 4.10 -6.15
CA ALA A 115 -18.80 3.52 -7.38
C ALA A 115 -17.28 3.59 -7.38
N GLU A 116 -16.75 4.70 -6.90
CA GLU A 116 -15.31 4.90 -6.83
C GLU A 116 -14.65 4.03 -5.75
N LEU A 117 -15.33 3.88 -4.62
CA LEU A 117 -14.83 3.03 -3.53
C LEU A 117 -14.78 1.56 -3.96
N LYS A 118 -15.78 1.14 -4.73
CA LYS A 118 -15.80 -0.24 -5.22
C LYS A 118 -14.64 -0.48 -6.18
N ASP A 119 -14.39 0.50 -7.03
CA ASP A 119 -13.30 0.44 -7.99
C ASP A 119 -11.94 0.39 -7.28
N LEU A 120 -11.78 1.21 -6.24
CA LEU A 120 -10.58 1.16 -5.42
C LEU A 120 -10.40 -0.22 -4.82
N LEU A 121 -11.46 -0.76 -4.25
CA LEU A 121 -11.37 -2.06 -3.59
C LEU A 121 -11.05 -3.18 -4.59
N LEU A 122 -11.69 -3.13 -5.76
CA LEU A 122 -11.47 -4.16 -6.76
C LEU A 122 -10.06 -4.12 -7.33
N GLN A 123 -9.57 -2.92 -7.60
CA GLN A 123 -8.26 -2.76 -8.22
C GLN A 123 -7.12 -3.17 -7.29
N VAL A 124 -7.15 -2.69 -6.05
CA VAL A 124 -6.13 -3.08 -5.09
C VAL A 124 -6.30 -4.56 -4.74
N GLY A 125 -7.55 -5.02 -4.76
CA GLY A 125 -7.83 -6.44 -4.59
C GLY A 125 -7.13 -7.29 -5.63
N ARG A 126 -7.18 -6.85 -6.88
CA ARG A 126 -6.49 -7.57 -7.96
C ARG A 126 -4.99 -7.54 -7.77
N GLY A 127 -4.47 -6.44 -7.23
CA GLY A 127 -3.06 -6.32 -6.93
C GLY A 127 -2.64 -7.32 -5.87
N LEU A 128 -3.43 -7.40 -4.79
CA LEU A 128 -3.18 -8.38 -3.72
C LEU A 128 -3.29 -9.81 -4.21
N ARG A 129 -4.27 -10.08 -5.07
CA ARG A 129 -4.44 -11.42 -5.58
C ARG A 129 -3.16 -11.84 -6.28
N TYR A 130 -2.59 -10.93 -7.06
CA TYR A 130 -1.34 -11.22 -7.76
C TYR A 130 -0.18 -11.44 -6.79
N ILE A 131 0.01 -10.50 -5.86
CA ILE A 131 1.09 -10.61 -4.87
C ILE A 131 0.96 -11.91 -4.09
N HIS A 132 -0.26 -12.24 -3.66
CA HIS A 132 -0.49 -13.45 -2.89
C HIS A 132 -0.25 -14.70 -3.74
N SER A 133 -0.55 -14.64 -5.03
CA SER A 133 -0.35 -15.80 -5.90
C SER A 133 1.14 -16.10 -6.11
N MET A 134 1.99 -15.12 -5.84
CA MET A 134 3.43 -15.31 -5.97
C MET A 134 4.04 -15.67 -4.62
N SER A 135 3.16 -16.06 -3.69
CA SER A 135 3.55 -16.51 -2.35
C SER A 135 4.15 -15.40 -1.50
N LEU A 136 3.76 -14.15 -1.79
CA LEU A 136 4.19 -13.00 -1.01
C LEU A 136 3.01 -12.30 -0.35
N VAL A 137 3.30 -11.53 0.70
CA VAL A 137 2.30 -10.66 1.32
C VAL A 137 2.91 -9.28 1.46
N HIS A 138 2.06 -8.26 1.44
CA HIS A 138 2.54 -6.88 1.41
C HIS A 138 2.89 -6.34 2.79
N MET A 139 1.97 -6.54 3.74
CA MET A 139 2.15 -6.25 5.17
C MET A 139 2.26 -4.76 5.53
N ASP A 140 1.92 -3.87 4.61
CA ASP A 140 1.83 -2.45 4.95
C ASP A 140 0.84 -1.73 4.03
N ILE A 141 -0.29 -2.39 3.76
CA ILE A 141 -1.35 -1.74 3.00
C ILE A 141 -1.97 -0.60 3.82
N LYS A 142 -2.05 0.56 3.20
CA LYS A 142 -2.66 1.76 3.78
C LYS A 142 -2.70 2.80 2.67
N PRO A 143 -3.49 3.86 2.85
CA PRO A 143 -3.66 4.86 1.79
C PRO A 143 -2.35 5.42 1.24
N SER A 144 -1.38 5.69 2.11
CA SER A 144 -0.13 6.30 1.66
C SER A 144 0.73 5.37 0.82
N ASN A 145 0.38 4.08 0.77
CA ASN A 145 1.14 3.10 -0.03
C ASN A 145 0.37 2.63 -1.26
N ILE A 146 -0.79 3.24 -1.49
CA ILE A 146 -1.55 3.00 -2.71
C ILE A 146 -1.34 4.22 -3.61
N PHE A 147 -0.80 3.99 -4.79
CA PHE A 147 -0.51 5.09 -5.72
C PHE A 147 -1.53 5.12 -6.86
N ILE A 148 -1.67 6.29 -7.45
CA ILE A 148 -2.74 6.58 -8.39
C ILE A 148 -2.17 7.10 -9.69
N SER A 149 -2.53 6.47 -10.81
CA SER A 149 -2.19 6.96 -12.15
C SER A 149 -3.45 7.40 -12.86
N ARG A 150 -3.48 8.66 -13.29
CA ARG A 150 -4.59 9.21 -14.06
C ARG A 150 -4.12 9.45 -15.49
N THR A 151 -5.03 9.27 -16.45
CA THR A 151 -4.72 9.45 -17.85
C THR A 151 -5.84 10.19 -18.57
N LYS A 170 -9.51 5.93 -16.97
CA LYS A 170 -9.27 7.10 -16.14
C LYS A 170 -8.21 6.83 -15.09
N VAL A 171 -8.58 6.08 -14.05
CA VAL A 171 -7.73 5.94 -12.86
C VAL A 171 -7.31 4.50 -12.56
N MET A 172 -6.01 4.34 -12.28
CA MET A 172 -5.43 3.05 -11.94
C MET A 172 -4.79 3.12 -10.57
N PHE A 173 -5.19 2.21 -9.67
CA PHE A 173 -4.57 2.12 -8.36
C PHE A 173 -3.49 1.06 -8.37
N LYS A 174 -2.34 1.41 -7.79
CA LYS A 174 -1.18 0.54 -7.82
C LYS A 174 -0.58 0.42 -6.44
N ILE A 175 -0.34 -0.82 -6.02
CA ILE A 175 0.23 -1.08 -4.72
C ILE A 175 1.72 -0.76 -4.74
N GLY A 176 2.16 0.06 -3.79
CA GLY A 176 3.55 0.49 -3.74
C GLY A 176 4.18 0.30 -2.36
N ASP A 177 5.39 0.83 -2.23
CA ASP A 177 6.19 0.75 -1.00
C ASP A 177 6.29 -0.70 -0.51
N LEU A 178 7.12 -1.48 -1.19
CA LEU A 178 7.20 -2.91 -0.96
C LEU A 178 8.24 -3.33 0.08
N GLY A 179 8.60 -2.41 0.98
CA GLY A 179 9.63 -2.66 1.97
C GLY A 179 9.27 -3.64 3.08
N HIS A 180 7.97 -3.90 3.28
CA HIS A 180 7.53 -4.84 4.30
C HIS A 180 7.17 -6.21 3.72
N VAL A 181 7.26 -6.34 2.40
CA VAL A 181 6.90 -7.60 1.73
C VAL A 181 7.69 -8.77 2.31
N THR A 182 6.99 -9.87 2.55
CA THR A 182 7.63 -11.09 3.04
C THR A 182 6.96 -12.35 2.44
N ARG A 183 7.61 -13.49 2.59
CA ARG A 183 7.09 -14.75 2.05
C ARG A 183 6.17 -15.40 3.06
N ILE A 184 5.11 -16.03 2.57
CA ILE A 184 4.17 -16.70 3.45
C ILE A 184 4.80 -17.95 4.07
N SER A 185 5.73 -18.57 3.35
CA SER A 185 6.36 -19.82 3.79
C SER A 185 7.59 -19.60 4.67
N SER A 186 8.11 -18.39 4.72
CA SER A 186 9.19 -18.04 5.63
C SER A 186 9.02 -16.59 6.09
N PRO A 187 7.95 -16.31 6.85
CA PRO A 187 7.53 -14.94 7.18
C PRO A 187 8.50 -14.20 8.09
N GLN A 188 8.88 -13.00 7.68
CA GLN A 188 9.72 -12.13 8.47
C GLN A 188 8.97 -10.81 8.67
N VAL A 189 8.19 -10.74 9.74
CA VAL A 189 7.26 -9.64 9.94
C VAL A 189 7.91 -8.48 10.66
N GLU A 190 7.86 -7.34 9.98
CA GLU A 190 8.24 -6.05 10.53
C GLU A 190 6.93 -5.35 10.87
N GLU A 191 6.77 -4.97 12.13
CA GLU A 191 5.49 -4.43 12.58
C GLU A 191 5.12 -3.19 11.79
N GLY A 192 3.99 -3.28 11.10
CA GLY A 192 3.51 -2.20 10.28
C GLY A 192 2.72 -1.16 11.07
N ASP A 193 2.03 -0.32 10.32
CA ASP A 193 1.23 0.77 10.87
C ASP A 193 0.13 0.21 11.77
N SER A 194 0.14 0.57 13.04
CA SER A 194 -0.81 0.00 14.00
C SER A 194 -2.26 0.30 13.63
N ARG A 195 -2.49 1.38 12.89
CA ARG A 195 -3.85 1.76 12.52
C ARG A 195 -4.50 0.73 11.62
N PHE A 196 -3.69 0.01 10.86
CA PHE A 196 -4.19 -0.91 9.83
C PHE A 196 -3.87 -2.36 10.15
N LEU A 197 -3.31 -2.59 11.33
CA LEU A 197 -2.80 -3.89 11.69
C LEU A 197 -3.87 -4.80 12.29
N ALA A 198 -3.95 -6.02 11.77
CA ALA A 198 -4.88 -7.03 12.28
C ALA A 198 -4.36 -7.58 13.61
N ASN A 199 -5.28 -7.95 14.50
CA ASN A 199 -4.91 -8.33 15.86
C ASN A 199 -4.00 -9.55 15.90
N GLU A 200 -4.23 -10.50 15.01
CA GLU A 200 -3.51 -11.76 15.08
C GLU A 200 -2.03 -11.58 14.71
N VAL A 201 -1.71 -10.53 13.95
CA VAL A 201 -0.32 -10.24 13.67
C VAL A 201 0.36 -9.68 14.91
N LEU A 202 -0.34 -8.77 15.59
CA LEU A 202 0.17 -8.23 16.84
C LEU A 202 0.43 -9.34 17.85
N GLN A 203 -0.43 -10.36 17.83
CA GLN A 203 -0.27 -11.51 18.71
C GLN A 203 0.85 -12.46 18.26
N GLU A 204 1.52 -12.08 17.18
CA GLU A 204 2.64 -12.84 16.61
C GLU A 204 2.21 -14.19 16.05
N ASN A 205 0.96 -14.26 15.60
CA ASN A 205 0.46 -15.34 14.77
C ASN A 205 0.62 -14.99 13.28
N TYR A 206 1.63 -15.57 12.64
CA TYR A 206 1.94 -15.24 11.25
C TYR A 206 1.48 -16.34 10.29
N THR A 207 0.45 -17.09 10.68
CA THR A 207 0.01 -18.26 9.91
C THR A 207 -1.03 -17.94 8.83
N HIS A 208 -1.56 -16.72 8.85
CA HIS A 208 -2.62 -16.30 7.94
C HIS A 208 -2.34 -14.92 7.34
N LEU A 209 -1.08 -14.64 7.02
CA LEU A 209 -0.70 -13.27 6.69
C LEU A 209 -1.44 -12.64 5.50
N PRO A 210 -1.84 -13.44 4.49
CA PRO A 210 -2.54 -12.74 3.41
C PRO A 210 -3.85 -12.11 3.89
N LYS A 211 -4.44 -12.70 4.92
CA LYS A 211 -5.68 -12.16 5.48
C LYS A 211 -5.42 -10.87 6.24
N ALA A 212 -4.17 -10.62 6.61
CA ALA A 212 -3.80 -9.35 7.22
C ALA A 212 -3.85 -8.24 6.16
N ASP A 213 -3.41 -8.54 4.95
CA ASP A 213 -3.49 -7.59 3.85
C ASP A 213 -4.96 -7.24 3.57
N ILE A 214 -5.82 -8.25 3.65
CA ILE A 214 -7.25 -8.08 3.41
C ILE A 214 -7.89 -7.16 4.47
N PHE A 215 -7.59 -7.42 5.74
CA PHE A 215 -7.99 -6.53 6.85
C PHE A 215 -7.58 -5.09 6.60
N ALA A 216 -6.30 -4.89 6.30
CA ALA A 216 -5.72 -3.57 6.04
C ALA A 216 -6.39 -2.86 4.86
N LEU A 217 -6.69 -3.62 3.81
CA LEU A 217 -7.33 -3.06 2.62
C LEU A 217 -8.73 -2.54 2.94
N ALA A 218 -9.49 -3.31 3.70
CA ALA A 218 -10.83 -2.87 4.10
C ALA A 218 -10.75 -1.53 4.83
N LEU A 219 -9.82 -1.40 5.76
CA LEU A 219 -9.69 -0.16 6.52
C LEU A 219 -9.17 0.98 5.64
N THR A 220 -8.38 0.63 4.63
CA THR A 220 -7.93 1.62 3.65
C THR A 220 -9.13 2.21 2.92
N VAL A 221 -10.05 1.36 2.50
CA VAL A 221 -11.26 1.80 1.79
C VAL A 221 -12.15 2.61 2.74
N VAL A 222 -12.23 2.18 3.99
CA VAL A 222 -12.98 2.91 5.00
C VAL A 222 -12.40 4.32 5.18
N CYS A 223 -11.08 4.49 5.13
CA CYS A 223 -10.50 5.82 5.17
C CYS A 223 -10.94 6.62 3.96
N ALA A 224 -10.91 5.99 2.79
CA ALA A 224 -11.28 6.66 1.55
C ALA A 224 -12.76 7.05 1.55
N ALA A 225 -13.58 6.31 2.28
CA ALA A 225 -15.02 6.55 2.31
C ALA A 225 -15.43 7.68 3.25
N GLY A 226 -14.48 8.27 3.98
CA GLY A 226 -14.74 9.41 4.83
C GLY A 226 -14.76 9.16 6.33
N ALA A 227 -14.29 8.00 6.76
CA ALA A 227 -14.26 7.69 8.19
C ALA A 227 -13.33 8.66 8.92
N GLU A 228 -13.58 8.83 10.21
CA GLU A 228 -12.68 9.60 11.06
C GLU A 228 -11.31 8.92 11.08
N PRO A 229 -10.25 9.68 11.39
CA PRO A 229 -8.90 9.10 11.50
C PRO A 229 -8.91 7.84 12.36
N LEU A 230 -8.26 6.79 11.87
CA LEU A 230 -8.23 5.51 12.57
C LEU A 230 -7.38 5.60 13.82
N PRO A 231 -7.78 4.92 14.90
CA PRO A 231 -7.01 4.92 16.14
C PRO A 231 -5.73 4.11 16.04
N ARG A 232 -4.66 4.55 16.72
CA ARG A 232 -3.41 3.80 16.79
C ARG A 232 -3.46 2.79 17.92
N ASN A 233 -4.35 3.04 18.89
CA ASN A 233 -4.46 2.19 20.06
C ASN A 233 -5.70 2.59 20.85
N GLY A 234 -5.90 1.95 22.00
CA GLY A 234 -7.01 2.31 22.87
C GLY A 234 -8.27 1.52 22.57
N ASP A 235 -9.37 1.95 23.18
CA ASP A 235 -10.63 1.21 23.13
C ASP A 235 -11.20 1.15 21.72
N GLN A 236 -11.07 2.24 20.97
CA GLN A 236 -11.58 2.27 19.60
C GLN A 236 -10.83 1.28 18.72
N TRP A 237 -9.53 1.15 18.97
CA TRP A 237 -8.69 0.21 18.21
C TRP A 237 -9.20 -1.21 18.43
N HIS A 238 -9.52 -1.54 19.67
CA HIS A 238 -10.00 -2.88 19.98
C HIS A 238 -11.39 -3.15 19.42
N GLU A 239 -12.31 -2.19 19.51
CA GLU A 239 -13.63 -2.36 18.90
C GLU A 239 -13.52 -2.78 17.42
N ILE A 240 -12.62 -2.15 16.68
CA ILE A 240 -12.45 -2.50 15.26
C ILE A 240 -11.99 -3.94 15.13
N ARG A 241 -11.05 -4.36 15.98
CA ARG A 241 -10.50 -5.71 15.88
C ARG A 241 -11.51 -6.74 16.38
N GLN A 242 -12.53 -6.28 17.10
CA GLN A 242 -13.63 -7.16 17.48
C GLN A 242 -14.58 -7.32 16.30
N GLY A 243 -14.28 -6.65 15.19
CA GLY A 243 -15.02 -6.82 13.96
C GLY A 243 -16.01 -5.69 13.66
N ARG A 244 -15.96 -4.62 14.46
CA ARG A 244 -16.87 -3.49 14.30
C ARG A 244 -16.31 -2.46 13.32
N LEU A 245 -17.01 -2.30 12.20
CA LEU A 245 -16.57 -1.41 11.14
C LEU A 245 -16.63 0.05 11.63
N PRO A 246 -15.58 0.85 11.37
CA PRO A 246 -15.69 2.26 11.74
C PRO A 246 -16.86 2.95 11.07
N ARG A 247 -17.40 3.96 11.73
CA ARG A 247 -18.52 4.73 11.19
C ARG A 247 -18.14 5.39 9.88
N ILE A 248 -19.05 5.32 8.90
CA ILE A 248 -18.89 5.98 7.61
C ILE A 248 -20.05 6.98 7.46
N PRO A 249 -19.72 8.28 7.29
CA PRO A 249 -20.77 9.30 7.27
C PRO A 249 -21.69 9.24 6.05
N GLN A 250 -21.21 8.73 4.91
CA GLN A 250 -22.03 8.69 3.71
C GLN A 250 -22.78 7.37 3.58
N VAL A 251 -23.90 7.41 2.87
CA VAL A 251 -24.70 6.23 2.63
C VAL A 251 -24.01 5.29 1.64
N LEU A 252 -23.86 4.03 2.05
CA LEU A 252 -23.36 2.97 1.18
C LEU A 252 -24.35 1.81 1.19
N SER A 253 -24.39 1.06 0.08
CA SER A 253 -25.28 -0.09 -0.01
C SER A 253 -24.95 -1.10 1.09
N GLN A 254 -25.96 -1.82 1.57
CA GLN A 254 -25.74 -2.82 2.61
C GLN A 254 -24.77 -3.91 2.19
N GLU A 255 -24.81 -4.31 0.92
CA GLU A 255 -23.96 -5.40 0.46
C GLU A 255 -22.50 -4.98 0.45
N PHE A 256 -22.24 -3.71 0.14
CA PHE A 256 -20.89 -3.19 0.16
C PHE A 256 -20.37 -3.05 1.61
N THR A 257 -21.24 -2.54 2.49
CA THR A 257 -20.93 -2.43 3.91
C THR A 257 -20.58 -3.80 4.51
N GLU A 258 -21.38 -4.80 4.17
CA GLU A 258 -21.21 -6.14 4.74
C GLU A 258 -19.93 -6.82 4.25
N LEU A 259 -19.48 -6.48 3.05
CA LEU A 259 -18.21 -6.96 2.53
C LEU A 259 -17.04 -6.37 3.30
N LEU A 260 -17.06 -5.06 3.52
CA LEU A 260 -16.00 -4.41 4.27
C LEU A 260 -15.93 -5.01 5.68
N LYS A 261 -17.09 -5.33 6.23
CA LYS A 261 -17.21 -5.83 7.59
C LYS A 261 -16.61 -7.24 7.74
N VAL A 262 -16.92 -8.13 6.81
CA VAL A 262 -16.38 -9.48 6.90
C VAL A 262 -14.88 -9.45 6.61
N MET A 263 -14.42 -8.43 5.89
CA MET A 263 -12.99 -8.30 5.62
C MET A 263 -12.20 -7.98 6.90
N ILE A 264 -12.88 -7.51 7.94
CA ILE A 264 -12.20 -7.20 9.20
C ILE A 264 -12.66 -8.15 10.31
N HIS A 265 -13.20 -9.29 9.93
CA HIS A 265 -13.66 -10.29 10.89
C HIS A 265 -12.52 -10.71 11.83
N PRO A 266 -12.81 -10.86 13.14
CA PRO A 266 -11.80 -11.29 14.11
C PRO A 266 -11.10 -12.61 13.74
N ASP A 267 -11.85 -13.51 13.11
CA ASP A 267 -11.30 -14.78 12.65
C ASP A 267 -10.74 -14.60 11.25
N PRO A 268 -9.40 -14.65 11.10
CA PRO A 268 -8.84 -14.46 9.76
C PRO A 268 -9.44 -15.41 8.71
N GLU A 269 -9.75 -16.64 9.12
CA GLU A 269 -10.22 -17.63 8.15
C GLU A 269 -11.59 -17.24 7.58
N ARG A 270 -12.31 -16.38 8.30
CA ARG A 270 -13.60 -15.91 7.82
C ARG A 270 -13.47 -14.75 6.82
N ARG A 271 -12.32 -14.08 6.85
CA ARG A 271 -12.06 -13.02 5.88
C ARG A 271 -11.86 -13.66 4.50
N PRO A 272 -12.42 -13.04 3.45
CA PRO A 272 -12.16 -13.57 2.10
C PRO A 272 -10.71 -13.43 1.71
N SER A 273 -10.18 -14.40 0.97
CA SER A 273 -8.88 -14.23 0.32
C SER A 273 -9.02 -13.13 -0.74
N ALA A 274 -7.91 -12.70 -1.32
CA ALA A 274 -7.97 -11.71 -2.40
C ALA A 274 -8.72 -12.30 -3.59
N MET A 275 -8.48 -13.57 -3.88
CA MET A 275 -9.18 -14.25 -4.97
C MET A 275 -10.69 -14.22 -4.73
N ALA A 276 -11.09 -14.62 -3.53
CA ALA A 276 -12.51 -14.60 -3.19
C ALA A 276 -13.04 -13.16 -3.18
N LEU A 277 -12.21 -12.20 -2.78
CA LEU A 277 -12.63 -10.80 -2.72
C LEU A 277 -13.01 -10.26 -4.10
N VAL A 278 -12.15 -10.45 -5.09
CA VAL A 278 -12.37 -9.85 -6.39
C VAL A 278 -13.51 -10.55 -7.14
N LYS A 279 -13.93 -11.72 -6.68
CA LYS A 279 -15.09 -12.38 -7.25
C LYS A 279 -16.36 -12.09 -6.44
N HIS A 280 -16.60 -10.81 -6.15
CA HIS A 280 -17.88 -10.38 -5.58
C HIS A 280 -18.62 -9.54 -6.60
N SER A 281 -19.84 -9.96 -6.92
CA SER A 281 -20.67 -9.30 -7.90
C SER A 281 -20.84 -7.82 -7.58
N VAL A 282 -20.83 -7.49 -6.29
CA VAL A 282 -21.09 -6.13 -5.84
C VAL A 282 -20.05 -5.15 -6.37
N LEU A 283 -18.86 -5.66 -6.65
CA LEU A 283 -17.76 -4.80 -7.08
C LEU A 283 -17.83 -4.55 -8.59
#